data_7COC
#
_entry.id   7COC
#
_cell.length_a   59.960
_cell.length_b   68.560
_cell.length_c   110.540
_cell.angle_alpha   90.000
_cell.angle_beta   90.000
_cell.angle_gamma   90.000
#
_symmetry.space_group_name_H-M   'P 21 21 21'
#
loop_
_entity.id
_entity.type
_entity.pdbx_description
1 polymer 'DNA-directed DNA/RNA polymerase mu'
2 polymer "DNA (5'-D(*CP*GP*GP*CP*TP*TP*AP*CP*G)-3')"
3 polymer "DNA (5'-D(*CP*GP*TP*A)-3')"
4 polymer "DNA (5'-D(P*GP*CP*CP*G)-3')"
5 non-polymer "2'-deoxy-5'-O-[(R)-hydroxy{[(R)-hydroxy(phosphonooxy)phosphoryl]amino}phosphoryl]guanosine"
6 non-polymer 'MAGNESIUM ION'
7 non-polymer 'POTASSIUM ION'
8 water water
#
loop_
_entity_poly.entity_id
_entity_poly.type
_entity_poly.pdbx_seq_one_letter_code
_entity_poly.pdbx_strand_id
1 'polypeptide(L)'
;MLPKRRRARVGSPSGDAASSTPPSTRFPGVAIYLVEPRMGRSRRAFLTGLARSKGFRVLDACSSEATHVVMEETSAEEAV
SWQERRMAAAPPGCTPPALLDISWLTESLGAGQPVPVECRHRLEVAGPRKGPLSPAWMPAYACQRPTPLTHHNTGLSEAL
EILAEAAGFEGSEGRLLTFCRAASVLKALPSPVTTLSQLQGLPHFGEHSSRVVQELLEHGVCEEVERVRRSERYQTMKLF
TQIFGVGVKTADRWYREGLRTLDDLREQPQKLTQQQKAGLQHHQDLSTPVLRSDVDALQQVVEEAVGQALPGATVTLTGG
FRRGKLQGHDVDFLITHPKEGQEAGLLPRVMCRLQDQGLILYHQHQHSCCESPTRLAQQSHMDAFERSFCIFRLPQPGSW
KAVRVDLVVAPVSQFPFALLGWTGSALFARELRRFSRKEKGLWLNSHGLFDPEQKTFFQAASEEDIFRHLGLEYLPPEQR
NA
;
A
2 'polydeoxyribonucleotide' (DC)(DG)(DG)(DC)(DT)(DT)(DA)(DC)(DG) T
3 'polydeoxyribonucleotide' (DC)(DG)(DT)(DA) P
4 'polydeoxyribonucleotide' (DG)(DC)(DC)(DG) D
#
loop_
_chem_comp.id
_chem_comp.type
_chem_comp.name
_chem_comp.formula
DA DNA linking 2'-DEOXYADENOSINE-5'-MONOPHOSPHATE 'C10 H14 N5 O6 P'
DC DNA linking 2'-DEOXYCYTIDINE-5'-MONOPHOSPHATE 'C9 H14 N3 O7 P'
DG DNA linking 2'-DEOXYGUANOSINE-5'-MONOPHOSPHATE 'C10 H14 N5 O7 P'
DT DNA linking THYMIDINE-5'-MONOPHOSPHATE 'C10 H15 N2 O8 P'
K non-polymer 'POTASSIUM ION' 'K 1'
MG non-polymer 'MAGNESIUM ION' 'Mg 2'
XG4 non-polymer 2'-deoxy-5'-O-[(R)-hydroxy{[(R)-hydroxy(phosphonooxy)phosphoryl]amino}phosphoryl]guanosine 'C10 H17 N6 O12 P3'
#
# COMPACT_ATOMS: atom_id res chain seq x y z
N PRO A 139 19.77 4.01 11.01
CA PRO A 139 19.63 5.16 10.11
C PRO A 139 18.24 5.82 10.19
N ALA A 140 18.15 7.10 9.79
CA ALA A 140 16.89 7.86 9.89
C ALA A 140 15.87 7.48 8.80
N TYR A 141 16.29 6.98 7.64
CA TYR A 141 15.32 6.67 6.59
C TYR A 141 15.07 5.17 6.51
N ALA A 142 13.80 4.77 6.30
CA ALA A 142 13.48 3.35 6.25
C ALA A 142 14.16 2.64 5.08
N CYS A 143 14.49 3.37 4.02
CA CYS A 143 15.15 2.73 2.88
C CYS A 143 16.62 2.40 3.15
N GLN A 144 17.17 2.84 4.28
CA GLN A 144 18.56 2.55 4.62
C GLN A 144 18.72 1.31 5.50
N ARG A 145 17.65 0.61 5.82
CA ARG A 145 17.75 -0.53 6.73
C ARG A 145 16.80 -1.63 6.27
N PRO A 146 17.16 -2.90 6.47
CA PRO A 146 16.21 -3.97 6.15
C PRO A 146 15.06 -3.99 7.14
N THR A 147 13.85 -4.17 6.62
CA THR A 147 12.66 -4.28 7.47
C THR A 147 11.92 -5.54 7.08
N PRO A 148 11.97 -6.59 7.89
CA PRO A 148 11.32 -7.83 7.51
C PRO A 148 9.83 -7.76 7.76
N LEU A 149 9.13 -8.71 7.14
CA LEU A 149 7.68 -8.78 7.28
C LEU A 149 7.27 -9.01 8.72
N THR A 150 7.96 -9.91 9.40
N THR A 150 7.95 -9.94 9.39
CA THR A 150 7.67 -10.20 10.79
CA THR A 150 7.67 -10.24 10.80
C THR A 150 8.90 -9.90 11.64
C THR A 150 8.91 -9.88 11.63
N HIS A 151 8.67 -9.48 12.87
CA HIS A 151 9.74 -8.86 13.64
C HIS A 151 9.51 -9.11 15.13
N HIS A 152 10.19 -8.32 15.97
CA HIS A 152 10.30 -8.61 17.38
C HIS A 152 9.65 -7.54 18.26
N ASN A 153 8.88 -6.64 17.66
CA ASN A 153 8.25 -5.55 18.41
C ASN A 153 6.84 -5.31 17.89
N THR A 154 6.13 -6.42 17.60
CA THR A 154 4.83 -6.33 16.94
C THR A 154 3.85 -5.47 17.73
N GLY A 155 3.74 -5.72 19.04
CA GLY A 155 2.79 -4.98 19.85
C GLY A 155 3.08 -3.49 19.89
N LEU A 156 4.36 -3.13 20.05
CA LEU A 156 4.72 -1.72 20.10
C LEU A 156 4.43 -1.03 18.77
N SER A 157 4.79 -1.67 17.65
CA SER A 157 4.58 -1.01 16.36
C SER A 157 3.09 -0.88 16.06
N GLU A 158 2.28 -1.86 16.43
N GLU A 158 2.28 -1.88 16.41
CA GLU A 158 0.85 -1.76 16.15
CA GLU A 158 0.83 -1.78 16.20
C GLU A 158 0.19 -0.63 16.96
C GLU A 158 0.27 -0.57 16.91
N ALA A 159 0.67 -0.35 18.17
CA ALA A 159 0.15 0.76 18.95
C ALA A 159 0.49 2.10 18.30
N LEU A 160 1.74 2.27 17.89
CA LEU A 160 2.13 3.51 17.23
C LEU A 160 1.41 3.70 15.91
N GLU A 161 1.12 2.62 15.20
CA GLU A 161 0.38 2.74 13.96
C GLU A 161 -1.08 3.12 14.19
N ILE A 162 -1.65 2.80 15.37
CA ILE A 162 -2.98 3.33 15.68
C ILE A 162 -2.94 4.85 15.74
N LEU A 163 -1.94 5.39 16.44
CA LEU A 163 -1.83 6.84 16.57
C LEU A 163 -1.55 7.49 15.23
N ALA A 164 -0.75 6.82 14.39
CA ALA A 164 -0.48 7.32 13.05
C ALA A 164 -1.78 7.42 12.25
N GLU A 165 -2.55 6.33 12.24
CA GLU A 165 -3.83 6.29 11.55
C GLU A 165 -4.79 7.36 12.08
N ALA A 166 -4.85 7.52 13.40
CA ALA A 166 -5.70 8.58 13.97
C ALA A 166 -5.24 9.97 13.54
N ALA A 167 -3.93 10.20 13.48
CA ALA A 167 -3.43 11.47 12.97
C ALA A 167 -3.91 11.73 11.55
N GLY A 168 -3.85 10.72 10.69
CA GLY A 168 -4.32 10.89 9.33
C GLY A 168 -5.80 11.22 9.27
N PHE A 169 -6.62 10.58 10.12
CA PHE A 169 -8.04 10.90 10.13
C PHE A 169 -8.29 12.35 10.50
N GLU A 170 -7.36 12.99 11.21
CA GLU A 170 -7.53 14.38 11.62
C GLU A 170 -6.75 15.34 10.73
N GLY A 171 -6.27 14.87 9.57
CA GLY A 171 -5.59 15.70 8.61
C GLY A 171 -4.16 16.07 8.96
N SER A 172 -3.54 15.39 9.92
N SER A 172 -3.55 15.45 9.98
CA SER A 172 -2.20 15.75 10.39
CA SER A 172 -2.18 15.83 10.36
C SER A 172 -1.20 14.81 9.73
C SER A 172 -1.23 14.83 9.71
N GLU A 173 -0.82 15.16 8.49
CA GLU A 173 0.08 14.28 7.74
C GLU A 173 1.45 14.19 8.41
N GLY A 174 1.93 15.29 9.01
CA GLY A 174 3.23 15.25 9.65
C GLY A 174 3.27 14.31 10.83
N ARG A 175 2.26 14.40 11.72
N ARG A 175 2.25 14.37 11.70
CA ARG A 175 2.16 13.46 12.83
CA ARG A 175 2.22 13.45 12.83
C ARG A 175 2.02 12.03 12.33
C ARG A 175 1.97 12.01 12.38
N LEU A 176 1.19 11.82 11.31
CA LEU A 176 1.04 10.48 10.75
C LEU A 176 2.40 9.92 10.34
N LEU A 177 3.20 10.73 9.66
CA LEU A 177 4.50 10.27 9.18
C LEU A 177 5.42 9.94 10.34
N THR A 178 5.46 10.79 11.36
CA THR A 178 6.37 10.54 12.46
C THR A 178 6.01 9.23 13.18
N PHE A 179 4.73 9.03 13.49
CA PHE A 179 4.31 7.79 14.14
C PHE A 179 4.55 6.57 13.24
N CYS A 180 4.25 6.68 11.94
CA CYS A 180 4.59 5.57 11.02
C CYS A 180 6.09 5.28 11.03
N ARG A 181 6.92 6.34 10.95
CA ARG A 181 8.37 6.16 10.96
C ARG A 181 8.87 5.53 12.26
N ALA A 182 8.34 5.97 13.40
CA ALA A 182 8.77 5.36 14.67
C ALA A 182 8.34 3.90 14.74
N ALA A 183 7.14 3.59 14.26
CA ALA A 183 6.72 2.19 14.18
C ALA A 183 7.67 1.39 13.30
N SER A 184 8.09 1.96 12.17
N SER A 184 8.10 1.95 12.16
CA SER A 184 8.95 1.23 11.25
CA SER A 184 8.95 1.19 11.26
C SER A 184 10.34 0.98 11.84
C SER A 184 10.34 0.97 11.84
N VAL A 185 10.85 1.92 12.63
CA VAL A 185 12.13 1.73 13.32
C VAL A 185 12.08 0.48 14.19
N LEU A 186 11.00 0.33 14.95
CA LEU A 186 10.87 -0.84 15.82
C LEU A 186 10.80 -2.14 15.02
N LYS A 187 10.20 -2.09 13.82
CA LYS A 187 10.16 -3.28 12.98
C LYS A 187 11.56 -3.69 12.52
N ALA A 188 12.46 -2.73 12.39
CA ALA A 188 13.81 -3.00 11.91
C ALA A 188 14.79 -3.44 13.01
N LEU A 189 14.38 -3.43 14.27
CA LEU A 189 15.28 -3.79 15.37
C LEU A 189 15.54 -5.30 15.39
N PRO A 190 16.72 -5.72 15.85
CA PRO A 190 17.05 -7.15 15.88
C PRO A 190 16.50 -7.91 17.08
N SER A 191 15.83 -7.26 18.03
CA SER A 191 15.38 -7.95 19.23
C SER A 191 14.29 -7.09 19.87
N PRO A 192 13.53 -7.66 20.82
CA PRO A 192 12.47 -6.88 21.48
C PRO A 192 13.01 -5.70 22.27
N VAL A 193 12.26 -4.61 22.27
CA VAL A 193 12.48 -3.53 23.23
C VAL A 193 11.82 -3.93 24.54
N THR A 194 12.62 -4.04 25.59
CA THR A 194 12.08 -4.37 26.91
C THR A 194 12.22 -3.26 27.94
N THR A 195 13.14 -2.32 27.75
CA THR A 195 13.26 -1.18 28.64
C THR A 195 13.39 0.11 27.85
N LEU A 196 12.98 1.21 28.47
CA LEU A 196 12.99 2.52 27.83
C LEU A 196 14.36 2.87 27.28
N SER A 197 15.43 2.49 28.00
CA SER A 197 16.77 2.90 27.60
C SER A 197 17.12 2.44 26.19
N GLN A 198 16.49 1.36 25.71
CA GLN A 198 16.77 0.89 24.36
C GLN A 198 16.29 1.88 23.30
N LEU A 199 15.40 2.81 23.63
CA LEU A 199 14.98 3.81 22.66
C LEU A 199 15.97 4.95 22.52
N GLN A 200 16.98 5.01 23.39
CA GLN A 200 17.99 6.06 23.31
C GLN A 200 18.65 6.09 21.95
N GLY A 201 18.69 7.26 21.34
CA GLY A 201 19.35 7.39 20.06
C GLY A 201 18.59 6.83 18.87
N LEU A 202 17.40 6.28 19.07
CA LEU A 202 16.65 5.78 17.92
C LEU A 202 15.98 6.93 17.19
N PRO A 203 16.12 7.02 15.87
CA PRO A 203 15.47 8.10 15.13
C PRO A 203 13.97 8.01 15.25
N HIS A 204 13.32 9.18 15.30
CA HIS A 204 11.87 9.41 15.29
C HIS A 204 11.20 9.07 16.61
N PHE A 205 11.97 8.80 17.66
CA PHE A 205 11.43 8.67 19.01
C PHE A 205 11.79 9.93 19.79
N GLY A 206 10.77 10.70 20.13
CA GLY A 206 10.90 11.83 21.04
C GLY A 206 9.96 11.61 22.21
N GLU A 207 9.49 12.69 22.82
CA GLU A 207 8.74 12.57 24.07
C GLU A 207 7.46 11.74 23.88
N HIS A 208 6.72 11.99 22.80
CA HIS A 208 5.40 11.38 22.67
C HIS A 208 5.50 9.88 22.39
N SER A 209 6.28 9.48 21.38
N SER A 209 6.28 9.48 21.38
CA SER A 209 6.39 8.06 21.06
CA SER A 209 6.39 8.06 21.06
C SER A 209 7.06 7.28 22.19
C SER A 209 7.09 7.28 22.16
N SER A 210 8.00 7.90 22.91
CA SER A 210 8.66 7.19 24.00
C SER A 210 7.72 6.95 25.17
N ARG A 211 6.83 7.91 25.45
CA ARG A 211 5.83 7.73 26.51
C ARG A 211 4.86 6.61 26.16
N VAL A 212 4.44 6.54 24.90
CA VAL A 212 3.60 5.44 24.45
C VAL A 212 4.28 4.10 24.73
N VAL A 213 5.53 3.97 24.28
CA VAL A 213 6.27 2.73 24.52
C VAL A 213 6.42 2.48 26.02
N GLN A 214 6.67 3.54 26.79
CA GLN A 214 6.90 3.39 28.22
C GLN A 214 5.67 2.82 28.91
N GLU A 215 4.48 3.36 28.60
CA GLU A 215 3.26 2.84 29.21
C GLU A 215 2.98 1.41 28.76
N LEU A 216 3.28 1.06 27.50
CA LEU A 216 3.08 -0.33 27.10
C LEU A 216 4.03 -1.26 27.84
N LEU A 217 5.29 -0.85 28.02
CA LEU A 217 6.25 -1.67 28.75
C LEU A 217 5.81 -1.86 30.21
N GLU A 218 5.31 -0.78 30.84
CA GLU A 218 5.00 -0.78 32.26
C GLU A 218 3.63 -1.37 32.58
N HIS A 219 2.63 -1.22 31.69
CA HIS A 219 1.27 -1.64 31.99
C HIS A 219 0.65 -2.52 30.93
N GLY A 220 1.33 -2.74 29.82
CA GLY A 220 0.80 -3.59 28.73
C GLY A 220 -0.23 -2.88 27.89
N VAL A 221 -0.62 -1.66 28.27
CA VAL A 221 -1.60 -0.87 27.48
C VAL A 221 -1.21 0.61 27.55
N CYS A 222 -1.59 1.37 26.54
CA CYS A 222 -1.34 2.84 26.48
C CYS A 222 -2.71 3.51 26.53
N GLU A 223 -2.94 4.36 27.52
CA GLU A 223 -4.26 4.96 27.67
C GLU A 223 -4.65 5.75 26.43
N GLU A 224 -3.72 6.54 25.88
CA GLU A 224 -4.03 7.31 24.67
C GLU A 224 -4.46 6.39 23.52
N VAL A 225 -3.74 5.28 23.33
CA VAL A 225 -4.07 4.36 22.25
C VAL A 225 -5.45 3.75 22.46
N GLU A 226 -5.75 3.32 23.69
CA GLU A 226 -7.04 2.70 23.96
C GLU A 226 -8.18 3.71 23.82
N ARG A 227 -7.93 4.97 24.19
CA ARG A 227 -8.95 5.99 24.00
C ARG A 227 -9.25 6.16 22.51
N VAL A 228 -8.23 6.17 21.68
CA VAL A 228 -8.43 6.24 20.24
C VAL A 228 -9.24 5.05 19.73
N ARG A 229 -8.86 3.83 20.15
N ARG A 229 -8.85 3.83 20.13
CA ARG A 229 -9.49 2.62 19.64
CA ARG A 229 -9.50 2.62 19.64
C ARG A 229 -11.00 2.61 19.84
C ARG A 229 -11.01 2.66 19.82
N ARG A 230 -11.47 3.06 21.00
CA ARG A 230 -12.89 3.03 21.32
C ARG A 230 -13.64 4.31 20.97
N SER A 231 -12.99 5.28 20.36
CA SER A 231 -13.70 6.51 20.06
C SER A 231 -14.59 6.33 18.82
N GLU A 232 -15.75 6.99 18.87
CA GLU A 232 -16.68 6.92 17.74
C GLU A 232 -16.04 7.47 16.48
N ARG A 233 -15.24 8.52 16.61
CA ARG A 233 -14.60 9.16 15.46
C ARG A 233 -13.63 8.20 14.79
N TYR A 234 -12.74 7.58 15.57
CA TYR A 234 -11.78 6.65 14.97
C TYR A 234 -12.50 5.48 14.30
N GLN A 235 -13.42 4.85 15.01
CA GLN A 235 -14.05 3.64 14.48
C GLN A 235 -14.80 3.94 13.18
N THR A 236 -15.50 5.08 13.12
CA THR A 236 -16.27 5.43 11.93
C THR A 236 -15.37 5.86 10.77
N MET A 237 -14.36 6.71 11.05
CA MET A 237 -13.40 7.06 10.00
C MET A 237 -12.68 5.82 9.48
N LYS A 238 -12.33 4.89 10.37
CA LYS A 238 -11.72 3.65 9.91
C LYS A 238 -12.68 2.87 9.02
N LEU A 239 -13.93 2.71 9.45
CA LEU A 239 -14.92 1.97 8.66
C LEU A 239 -15.16 2.64 7.31
N PHE A 240 -15.29 3.97 7.30
CA PHE A 240 -15.63 4.65 6.06
C PHE A 240 -14.45 4.67 5.09
N THR A 241 -13.24 4.96 5.61
CA THR A 241 -12.09 5.05 4.71
C THR A 241 -11.68 3.68 4.16
N GLN A 242 -12.19 2.61 4.76
CA GLN A 242 -11.88 1.24 4.28
C GLN A 242 -12.74 0.91 3.05
N ILE A 243 -13.73 1.74 2.75
CA ILE A 243 -14.57 1.54 1.56
C ILE A 243 -13.78 1.97 0.34
N PHE A 244 -13.74 1.12 -0.67
CA PHE A 244 -13.13 1.47 -1.96
C PHE A 244 -13.86 2.65 -2.59
N GLY A 245 -13.12 3.73 -2.86
CA GLY A 245 -13.70 4.98 -3.33
C GLY A 245 -13.91 6.05 -2.27
N VAL A 246 -13.58 5.80 -1.02
CA VAL A 246 -13.80 6.74 0.08
C VAL A 246 -12.46 7.08 0.73
N GLY A 247 -12.06 8.35 0.65
CA GLY A 247 -10.88 8.84 1.34
C GLY A 247 -11.22 9.56 2.63
N VAL A 248 -10.19 10.13 3.26
CA VAL A 248 -10.39 10.84 4.51
C VAL A 248 -11.36 12.01 4.32
N LYS A 249 -11.19 12.78 3.25
CA LYS A 249 -12.07 13.94 3.05
C LYS A 249 -13.54 13.55 2.95
N THR A 250 -13.84 12.48 2.21
CA THR A 250 -15.23 12.05 2.07
C THR A 250 -15.76 11.49 3.39
N ALA A 251 -14.98 10.62 4.02
CA ALA A 251 -15.37 10.06 5.32
C ALA A 251 -15.63 11.17 6.34
N ASP A 252 -14.76 12.17 6.36
CA ASP A 252 -14.93 13.23 7.35
C ASP A 252 -16.20 14.04 7.09
N ARG A 253 -16.54 14.30 5.83
CA ARG A 253 -17.78 15.01 5.55
C ARG A 253 -19.00 14.19 5.99
N TRP A 254 -19.00 12.90 5.67
CA TRP A 254 -20.11 12.04 6.09
C TRP A 254 -20.22 11.97 7.60
N TYR A 255 -19.07 11.90 8.30
CA TYR A 255 -19.10 11.87 9.75
C TYR A 255 -19.74 13.14 10.32
N ARG A 256 -19.32 14.30 9.79
CA ARG A 256 -19.85 15.58 10.28
C ARG A 256 -21.34 15.71 9.99
N GLU A 257 -21.82 15.09 8.91
CA GLU A 257 -23.23 15.07 8.60
C GLU A 257 -24.00 14.07 9.45
N GLY A 258 -23.32 13.35 10.34
CA GLY A 258 -23.96 12.43 11.26
C GLY A 258 -23.96 10.97 10.86
N LEU A 259 -23.43 10.62 9.68
CA LEU A 259 -23.46 9.23 9.26
C LEU A 259 -22.45 8.39 10.06
N ARG A 260 -22.81 7.13 10.32
CA ARG A 260 -21.98 6.29 11.18
C ARG A 260 -21.78 4.85 10.69
N THR A 261 -22.69 4.28 9.91
CA THR A 261 -22.61 2.87 9.52
C THR A 261 -22.70 2.72 8.01
N LEU A 262 -22.38 1.52 7.53
CA LEU A 262 -22.52 1.23 6.11
C LEU A 262 -23.98 1.34 5.69
N ASP A 263 -24.89 0.84 6.53
CA ASP A 263 -26.32 0.93 6.23
C ASP A 263 -26.78 2.38 6.19
N ASP A 264 -26.17 3.27 6.98
CA ASP A 264 -26.46 4.70 6.86
C ASP A 264 -26.12 5.20 5.46
N LEU A 265 -24.98 4.78 4.93
CA LEU A 265 -24.59 5.19 3.59
C LEU A 265 -25.49 4.56 2.54
N ARG A 266 -25.92 3.31 2.76
CA ARG A 266 -26.75 2.63 1.78
C ARG A 266 -28.13 3.28 1.65
N GLU A 267 -28.64 3.88 2.72
CA GLU A 267 -29.91 4.61 2.69
C GLU A 267 -29.82 5.95 1.97
N GLN A 268 -28.63 6.38 1.59
CA GLN A 268 -28.43 7.67 0.93
C GLN A 268 -27.64 7.49 -0.37
N PRO A 269 -28.14 6.69 -1.32
CA PRO A 269 -27.35 6.39 -2.52
C PRO A 269 -27.19 7.59 -3.44
N GLN A 270 -27.93 8.67 -3.19
CA GLN A 270 -27.70 9.92 -3.90
C GLN A 270 -26.36 10.56 -3.52
N LYS A 271 -25.79 10.18 -2.38
N LYS A 271 -25.80 10.18 -2.37
CA LYS A 271 -24.53 10.72 -1.92
CA LYS A 271 -24.53 10.72 -1.93
C LYS A 271 -23.33 9.95 -2.45
C LYS A 271 -23.32 9.97 -2.47
N LEU A 272 -23.53 8.86 -3.17
CA LEU A 272 -22.47 7.95 -3.53
C LEU A 272 -22.10 8.04 -5.00
N THR A 273 -20.80 7.98 -5.28
CA THR A 273 -20.36 7.77 -6.64
C THR A 273 -20.55 6.30 -7.03
N GLN A 274 -20.47 6.03 -8.33
CA GLN A 274 -20.58 4.65 -8.79
C GLN A 274 -19.45 3.79 -8.22
N GLN A 275 -18.27 4.36 -8.09
CA GLN A 275 -17.14 3.65 -7.48
C GLN A 275 -17.46 3.29 -6.04
N GLN A 276 -18.03 4.25 -5.30
CA GLN A 276 -18.37 4.01 -3.91
C GLN A 276 -19.51 3.02 -3.78
N LYS A 277 -20.46 3.06 -4.72
CA LYS A 277 -21.54 2.08 -4.70
C LYS A 277 -20.98 0.67 -4.84
N ALA A 278 -20.02 0.49 -5.74
CA ALA A 278 -19.34 -0.81 -5.89
C ALA A 278 -18.61 -1.19 -4.62
N GLY A 279 -17.85 -0.24 -4.04
CA GLY A 279 -17.16 -0.52 -2.80
C GLY A 279 -18.10 -0.91 -1.68
N LEU A 280 -19.26 -0.25 -1.60
CA LEU A 280 -20.22 -0.57 -0.54
C LEU A 280 -20.87 -1.93 -0.77
N GLN A 281 -21.29 -2.21 -2.00
CA GLN A 281 -21.94 -3.49 -2.30
C GLN A 281 -21.00 -4.66 -2.04
N HIS A 282 -19.73 -4.53 -2.43
CA HIS A 282 -18.77 -5.62 -2.26
C HIS A 282 -17.98 -5.54 -0.97
N HIS A 283 -18.41 -4.69 -0.02
CA HIS A 283 -17.55 -4.40 1.13
C HIS A 283 -17.24 -5.65 1.93
N GLN A 284 -18.21 -6.55 2.10
CA GLN A 284 -17.97 -7.70 2.96
C GLN A 284 -16.91 -8.62 2.37
N ASP A 285 -16.99 -8.91 1.08
CA ASP A 285 -15.94 -9.69 0.44
C ASP A 285 -14.60 -8.95 0.48
N LEU A 286 -14.61 -7.65 0.22
CA LEU A 286 -13.35 -6.91 0.19
C LEU A 286 -12.73 -6.80 1.58
N SER A 287 -13.51 -7.04 2.64
CA SER A 287 -12.98 -7.05 3.99
C SER A 287 -12.36 -8.39 4.37
N THR A 288 -12.52 -9.40 3.52
N THR A 288 -12.51 -9.40 3.53
CA THR A 288 -11.91 -10.71 3.70
CA THR A 288 -11.91 -10.71 3.72
C THR A 288 -10.51 -10.73 3.10
C THR A 288 -10.51 -10.74 3.10
N PRO A 289 -9.47 -11.11 3.85
CA PRO A 289 -8.12 -11.05 3.29
C PRO A 289 -7.97 -11.98 2.09
N VAL A 290 -7.34 -11.45 1.04
CA VAL A 290 -6.92 -12.28 -0.09
C VAL A 290 -5.78 -13.18 0.36
N LEU A 291 -5.82 -14.44 -0.03
CA LEU A 291 -4.81 -15.41 0.38
C LEU A 291 -3.81 -15.65 -0.75
N ARG A 292 -2.60 -16.06 -0.37
CA ARG A 292 -1.54 -16.35 -1.37
C ARG A 292 -2.08 -17.40 -2.36
N SER A 293 -2.86 -18.37 -1.87
CA SER A 293 -3.45 -19.36 -2.78
C SER A 293 -4.32 -18.69 -3.84
N ASP A 294 -5.07 -17.65 -3.46
CA ASP A 294 -5.89 -16.93 -4.42
C ASP A 294 -5.05 -16.31 -5.52
N VAL A 295 -3.82 -15.90 -5.18
CA VAL A 295 -3.04 -15.05 -6.05
C VAL A 295 -2.61 -15.80 -7.31
N ASP A 296 -2.21 -17.06 -7.17
CA ASP A 296 -1.73 -17.78 -8.35
C ASP A 296 -2.86 -18.01 -9.35
N ALA A 297 -4.07 -18.29 -8.86
CA ALA A 297 -5.21 -18.48 -9.75
C ALA A 297 -5.53 -17.20 -10.50
N LEU A 298 -5.48 -16.05 -9.82
CA LEU A 298 -5.69 -14.77 -10.49
C LEU A 298 -4.61 -14.49 -11.52
N GLN A 299 -3.34 -14.76 -11.19
CA GLN A 299 -2.28 -14.42 -12.12
C GLN A 299 -2.44 -15.17 -13.43
N GLN A 300 -2.82 -16.45 -13.36
CA GLN A 300 -3.03 -17.24 -14.57
C GLN A 300 -4.11 -16.63 -15.45
N VAL A 301 -5.21 -16.15 -14.86
N VAL A 301 -5.21 -16.19 -14.84
CA VAL A 301 -6.27 -15.62 -15.71
CA VAL A 301 -6.30 -15.58 -15.59
C VAL A 301 -5.90 -14.23 -16.25
C VAL A 301 -5.84 -14.29 -16.24
N VAL A 302 -5.10 -13.46 -15.50
CA VAL A 302 -4.59 -12.21 -16.05
C VAL A 302 -3.61 -12.50 -17.18
N GLU A 303 -2.72 -13.47 -16.99
CA GLU A 303 -1.78 -13.84 -18.05
C GLU A 303 -2.50 -14.30 -19.31
N GLU A 304 -3.58 -15.06 -19.14
CA GLU A 304 -4.35 -15.54 -20.29
C GLU A 304 -4.88 -14.37 -21.10
N ALA A 305 -5.51 -13.40 -20.43
CA ALA A 305 -6.04 -12.23 -21.13
C ALA A 305 -4.91 -11.40 -21.73
N VAL A 306 -3.81 -11.24 -20.98
CA VAL A 306 -2.69 -10.43 -21.45
C VAL A 306 -2.03 -11.05 -22.68
N GLY A 307 -1.91 -12.39 -22.71
CA GLY A 307 -1.27 -13.05 -23.83
C GLY A 307 -2.10 -12.99 -25.10
N GLN A 308 -3.43 -12.92 -24.97
CA GLN A 308 -4.26 -12.66 -26.15
C GLN A 308 -4.22 -11.20 -26.56
N ALA A 309 -4.21 -10.28 -25.59
CA ALA A 309 -4.16 -8.86 -25.93
C ALA A 309 -2.87 -8.50 -26.64
N LEU A 310 -1.74 -9.10 -26.22
CA LEU A 310 -0.44 -8.80 -26.83
C LEU A 310 0.51 -9.95 -26.54
N PRO A 311 0.68 -10.86 -27.51
CA PRO A 311 1.65 -11.95 -27.33
C PRO A 311 3.03 -11.43 -26.96
N GLY A 312 3.64 -12.08 -25.97
CA GLY A 312 4.94 -11.69 -25.48
C GLY A 312 4.93 -10.75 -24.30
N ALA A 313 3.77 -10.16 -23.98
CA ALA A 313 3.65 -9.33 -22.78
C ALA A 313 3.71 -10.21 -21.53
N THR A 314 4.23 -9.65 -20.44
CA THR A 314 4.44 -10.40 -19.21
C THR A 314 3.65 -9.77 -18.06
N VAL A 315 3.40 -10.59 -17.04
CA VAL A 315 2.68 -10.19 -15.84
C VAL A 315 3.59 -10.45 -14.65
N THR A 316 3.85 -9.41 -13.83
CA THR A 316 4.72 -9.54 -12.66
C THR A 316 3.93 -9.18 -11.41
N LEU A 317 3.92 -10.10 -10.43
CA LEU A 317 3.26 -9.83 -9.16
C LEU A 317 4.05 -8.77 -8.41
N THR A 318 3.36 -7.72 -7.94
N THR A 318 3.37 -7.73 -7.93
CA THR A 318 4.00 -6.66 -7.18
CA THR A 318 4.04 -6.66 -7.18
C THR A 318 3.29 -6.47 -5.84
C THR A 318 3.27 -6.46 -5.88
N GLY A 319 3.38 -5.28 -5.28
CA GLY A 319 2.66 -5.06 -4.03
C GLY A 319 3.10 -5.96 -2.88
N GLY A 320 2.19 -6.12 -1.92
CA GLY A 320 2.52 -6.81 -0.68
C GLY A 320 2.88 -8.26 -0.87
N PHE A 321 2.22 -8.96 -1.82
CA PHE A 321 2.57 -10.36 -2.01
C PHE A 321 3.98 -10.52 -2.55
N ARG A 322 4.48 -9.52 -3.30
CA ARG A 322 5.88 -9.62 -3.71
C ARG A 322 6.83 -9.45 -2.52
N ARG A 323 6.43 -8.70 -1.49
CA ARG A 323 7.25 -8.57 -0.28
C ARG A 323 7.10 -9.74 0.65
N GLY A 324 6.32 -10.76 0.28
CA GLY A 324 6.23 -11.96 1.08
C GLY A 324 5.00 -12.08 1.96
N LYS A 325 4.09 -11.11 1.93
CA LYS A 325 2.88 -11.24 2.74
C LYS A 325 2.13 -12.51 2.36
N LEU A 326 1.50 -13.15 3.35
CA LEU A 326 0.69 -14.32 3.06
C LEU A 326 -0.77 -13.96 2.81
N GLN A 327 -1.12 -12.71 3.02
CA GLN A 327 -2.46 -12.22 2.71
C GLN A 327 -2.37 -10.75 2.34
N GLY A 328 -3.47 -10.22 1.81
CA GLY A 328 -3.49 -8.84 1.36
C GLY A 328 -4.90 -8.35 1.19
N HIS A 329 -5.02 -7.03 0.97
CA HIS A 329 -6.34 -6.39 0.75
C HIS A 329 -6.67 -6.46 -0.75
N ASP A 330 -5.67 -6.75 -1.57
CA ASP A 330 -5.86 -6.85 -3.04
C ASP A 330 -4.66 -7.60 -3.66
N VAL A 331 -4.67 -7.70 -4.97
CA VAL A 331 -3.54 -8.26 -5.72
C VAL A 331 -3.10 -7.22 -6.73
N ASP A 332 -1.80 -6.95 -6.77
CA ASP A 332 -1.23 -5.91 -7.61
C ASP A 332 -0.36 -6.55 -8.68
N PHE A 333 -0.57 -6.17 -9.94
CA PHE A 333 0.19 -6.74 -11.04
C PHE A 333 0.79 -5.61 -11.88
N LEU A 334 2.00 -5.85 -12.38
CA LEU A 334 2.68 -4.94 -13.28
C LEU A 334 2.90 -5.66 -14.61
N ILE A 335 2.54 -5.00 -15.70
CA ILE A 335 2.53 -5.61 -17.04
C ILE A 335 3.47 -4.81 -17.93
N THR A 336 4.23 -5.52 -18.76
CA THR A 336 5.12 -4.86 -19.70
C THR A 336 5.30 -5.77 -20.90
N HIS A 337 6.15 -5.33 -21.84
CA HIS A 337 6.47 -6.12 -23.02
C HIS A 337 7.93 -5.83 -23.35
N PRO A 338 8.73 -6.85 -23.70
CA PRO A 338 10.17 -6.62 -23.88
C PRO A 338 10.54 -5.69 -25.03
N LYS A 339 9.62 -5.37 -25.95
CA LYS A 339 9.91 -4.46 -27.06
C LYS A 339 9.31 -3.09 -26.75
N GLU A 340 10.18 -2.12 -26.45
CA GLU A 340 9.76 -0.76 -26.14
C GLU A 340 8.73 -0.23 -27.15
N GLY A 341 7.65 0.34 -26.63
CA GLY A 341 6.59 0.87 -27.46
C GLY A 341 5.44 -0.09 -27.67
N GLN A 342 5.68 -1.40 -27.64
CA GLN A 342 4.61 -2.35 -27.88
C GLN A 342 3.55 -2.35 -26.79
N GLU A 343 3.89 -1.86 -25.59
CA GLU A 343 2.91 -1.82 -24.51
C GLU A 343 1.89 -0.70 -24.68
N ALA A 344 2.12 0.24 -25.59
CA ALA A 344 1.16 1.32 -25.83
C ALA A 344 -0.23 0.75 -26.10
N GLY A 345 -1.24 1.29 -25.40
CA GLY A 345 -2.62 0.92 -25.63
C GLY A 345 -3.01 -0.45 -25.14
N LEU A 346 -2.17 -1.07 -24.31
CA LEU A 346 -2.39 -2.47 -23.93
C LEU A 346 -3.52 -2.63 -22.92
N LEU A 347 -3.58 -1.77 -21.92
CA LEU A 347 -4.50 -2.06 -20.82
C LEU A 347 -5.97 -2.05 -21.26
N PRO A 348 -6.43 -1.17 -22.16
CA PRO A 348 -7.83 -1.31 -22.60
C PRO A 348 -8.10 -2.65 -23.25
N ARG A 349 -7.14 -3.18 -24.00
CA ARG A 349 -7.32 -4.49 -24.63
C ARG A 349 -7.36 -5.59 -23.58
N VAL A 350 -6.56 -5.46 -22.52
CA VAL A 350 -6.59 -6.44 -21.45
C VAL A 350 -7.94 -6.41 -20.75
N MET A 351 -8.42 -5.21 -20.41
CA MET A 351 -9.67 -5.12 -19.66
C MET A 351 -10.86 -5.63 -20.49
N CYS A 352 -10.85 -5.33 -21.79
CA CYS A 352 -11.90 -5.84 -22.69
C CYS A 352 -11.98 -7.36 -22.61
N ARG A 353 -10.83 -8.02 -22.60
CA ARG A 353 -10.83 -9.48 -22.62
C ARG A 353 -11.25 -10.05 -21.27
N LEU A 354 -10.82 -9.43 -20.18
CA LEU A 354 -11.28 -9.85 -18.86
C LEU A 354 -12.79 -9.66 -18.72
N GLN A 355 -13.29 -8.53 -19.21
CA GLN A 355 -14.74 -8.28 -19.24
C GLN A 355 -15.48 -9.38 -19.97
N ASP A 356 -14.99 -9.78 -21.15
CA ASP A 356 -15.67 -10.80 -21.94
C ASP A 356 -15.59 -12.17 -21.29
N GLN A 357 -14.59 -12.41 -20.46
CA GLN A 357 -14.54 -13.65 -19.69
C GLN A 357 -15.51 -13.65 -18.51
N GLY A 358 -16.20 -12.53 -18.25
CA GLY A 358 -17.12 -12.45 -17.13
C GLY A 358 -16.47 -12.29 -15.78
N LEU A 359 -15.21 -11.86 -15.73
CA LEU A 359 -14.44 -11.84 -14.50
C LEU A 359 -14.44 -10.49 -13.81
N ILE A 360 -15.00 -9.46 -14.41
CA ILE A 360 -14.88 -8.10 -13.89
C ILE A 360 -16.21 -7.72 -13.27
N LEU A 361 -16.20 -7.53 -11.94
CA LEU A 361 -17.38 -7.01 -11.23
C LEU A 361 -17.45 -5.49 -11.26
N TYR A 362 -16.31 -4.82 -11.29
CA TYR A 362 -16.27 -3.36 -11.40
C TYR A 362 -14.95 -2.96 -12.01
N HIS A 363 -15.00 -1.96 -12.89
CA HIS A 363 -13.79 -1.21 -13.27
C HIS A 363 -14.21 0.17 -13.75
N GLN A 364 -13.24 1.06 -13.85
CA GLN A 364 -13.47 2.50 -14.17
C GLN A 364 -14.04 2.76 -15.58
N HIS A 365 -14.03 1.77 -16.47
CA HIS A 365 -14.45 2.02 -17.85
C HIS A 365 -15.51 1.04 -18.34
N ASP A 383 -9.72 8.14 -22.75
CA ASP A 383 -9.98 6.84 -23.34
C ASP A 383 -8.83 5.87 -23.10
N ALA A 384 -7.60 6.31 -23.42
CA ALA A 384 -6.43 5.51 -23.12
C ALA A 384 -6.12 5.56 -21.63
N PHE A 385 -5.75 4.42 -21.06
CA PHE A 385 -5.35 4.36 -19.66
C PHE A 385 -4.28 3.30 -19.49
N GLU A 386 -3.52 3.44 -18.39
CA GLU A 386 -2.42 2.54 -18.09
C GLU A 386 -2.47 1.97 -16.68
N ARG A 387 -3.49 2.35 -15.91
CA ARG A 387 -3.67 1.83 -14.53
C ARG A 387 -5.14 1.47 -14.36
N SER A 388 -5.42 0.31 -13.79
CA SER A 388 -6.81 -0.13 -13.58
C SER A 388 -7.01 -0.56 -12.13
N PHE A 389 -8.04 -0.04 -11.47
CA PHE A 389 -8.36 -0.45 -10.07
C PHE A 389 -9.72 -1.15 -10.16
N CYS A 390 -9.72 -2.47 -10.15
CA CYS A 390 -10.99 -3.19 -10.40
C CYS A 390 -11.32 -4.21 -9.32
N ILE A 391 -12.53 -4.73 -9.40
CA ILE A 391 -13.02 -5.82 -8.51
C ILE A 391 -13.27 -7.02 -9.42
N PHE A 392 -12.53 -8.09 -9.14
CA PHE A 392 -12.53 -9.33 -9.89
C PHE A 392 -13.44 -10.35 -9.21
N ARG A 393 -14.04 -11.21 -10.02
CA ARG A 393 -14.77 -12.37 -9.54
C ARG A 393 -13.79 -13.54 -9.43
N LEU A 394 -13.52 -13.97 -8.19
CA LEU A 394 -12.52 -15.05 -7.93
C LEU A 394 -13.24 -16.35 -7.56
N PRO A 395 -12.84 -17.51 -8.15
CA PRO A 395 -13.46 -18.80 -7.85
C PRO A 395 -13.28 -19.26 -6.40
N GLN A 396 -14.31 -19.95 -5.88
CA GLN A 396 -14.36 -20.53 -4.50
C GLN A 396 -15.02 -21.91 -4.58
N PRO A 397 -15.10 -22.70 -3.48
CA PRO A 397 -15.72 -24.01 -3.56
C PRO A 397 -17.24 -23.86 -3.53
N GLY A 398 -17.88 -24.05 -4.70
CA GLY A 398 -19.35 -23.96 -4.85
C GLY A 398 -19.86 -22.53 -4.95
N SER A 399 -18.95 -21.54 -5.02
CA SER A 399 -19.34 -20.11 -5.07
C SER A 399 -18.15 -19.27 -5.54
N TRP A 400 -18.29 -17.95 -5.51
CA TRP A 400 -17.17 -17.04 -5.92
C TRP A 400 -17.09 -15.87 -4.93
N LYS A 401 -15.97 -15.14 -4.91
CA LYS A 401 -15.89 -13.96 -4.03
C LYS A 401 -15.26 -12.79 -4.79
N ALA A 402 -15.60 -11.55 -4.42
CA ALA A 402 -15.05 -10.36 -5.02
C ALA A 402 -13.66 -10.09 -4.46
N VAL A 403 -12.72 -9.71 -5.32
CA VAL A 403 -11.33 -9.44 -4.93
C VAL A 403 -10.88 -8.18 -5.67
N ARG A 404 -10.26 -7.27 -4.95
CA ARG A 404 -9.67 -6.08 -5.54
C ARG A 404 -8.37 -6.45 -6.27
N VAL A 405 -8.25 -6.04 -7.53
CA VAL A 405 -7.07 -6.32 -8.33
C VAL A 405 -6.61 -5.01 -8.96
N ASP A 406 -5.31 -4.73 -8.89
CA ASP A 406 -4.72 -3.55 -9.52
C ASP A 406 -3.83 -3.98 -10.67
N LEU A 407 -4.00 -3.34 -11.82
CA LEU A 407 -3.18 -3.61 -13.00
C LEU A 407 -2.48 -2.34 -13.41
N VAL A 408 -1.20 -2.45 -13.73
CA VAL A 408 -0.41 -1.30 -14.18
C VAL A 408 0.41 -1.76 -15.38
N VAL A 409 0.44 -0.91 -16.41
CA VAL A 409 1.26 -1.15 -17.59
C VAL A 409 2.39 -0.13 -17.59
N ALA A 410 3.62 -0.58 -17.84
CA ALA A 410 4.76 0.31 -17.96
C ALA A 410 5.59 -0.12 -19.16
N PRO A 411 6.20 0.83 -19.88
CA PRO A 411 7.20 0.44 -20.88
C PRO A 411 8.40 -0.21 -20.22
N VAL A 412 9.07 -1.10 -20.97
CA VAL A 412 10.15 -1.89 -20.36
C VAL A 412 11.27 -0.97 -19.89
N SER A 413 11.50 0.16 -20.57
CA SER A 413 12.50 1.12 -20.11
C SER A 413 12.22 1.61 -18.70
N GLN A 414 10.95 1.67 -18.30
CA GLN A 414 10.60 2.18 -16.99
C GLN A 414 10.28 1.07 -16.00
N PHE A 415 10.32 -0.19 -16.44
CA PHE A 415 9.91 -1.31 -15.59
C PHE A 415 10.61 -1.37 -14.23
N PRO A 416 11.93 -1.19 -14.14
CA PRO A 416 12.55 -1.24 -12.80
C PRO A 416 11.99 -0.18 -11.86
N PHE A 417 11.75 1.02 -12.38
CA PHE A 417 11.19 2.08 -11.54
C PHE A 417 9.76 1.76 -11.13
N ALA A 418 8.95 1.22 -12.07
CA ALA A 418 7.58 0.86 -11.72
C ALA A 418 7.55 -0.30 -10.74
N LEU A 419 8.37 -1.33 -10.98
CA LEU A 419 8.48 -2.44 -10.04
C LEU A 419 8.88 -1.94 -8.66
N LEU A 420 9.89 -1.07 -8.59
CA LEU A 420 10.32 -0.54 -7.30
C LEU A 420 9.19 0.23 -6.63
N GLY A 421 8.46 1.03 -7.40
CA GLY A 421 7.41 1.83 -6.80
C GLY A 421 6.23 1.00 -6.34
N TRP A 422 5.74 0.11 -7.21
CA TRP A 422 4.54 -0.64 -6.87
C TRP A 422 4.81 -1.83 -5.95
N THR A 423 6.08 -2.20 -5.72
CA THR A 423 6.36 -3.22 -4.72
C THR A 423 6.27 -2.66 -3.30
N GLY A 424 6.56 -1.37 -3.13
CA GLY A 424 6.37 -0.80 -1.81
C GLY A 424 7.41 -1.31 -0.81
N SER A 425 7.06 -1.30 0.48
CA SER A 425 5.77 -0.79 1.01
C SER A 425 5.51 0.70 0.73
N ALA A 426 4.28 1.18 0.97
CA ALA A 426 3.98 2.58 0.73
C ALA A 426 4.92 3.48 1.53
N LEU A 427 5.15 3.15 2.80
CA LEU A 427 6.10 3.95 3.58
C LEU A 427 7.52 3.79 3.04
N PHE A 428 7.91 2.56 2.69
CA PHE A 428 9.23 2.37 2.10
C PHE A 428 9.41 3.25 0.85
N ALA A 429 8.41 3.26 -0.05
CA ALA A 429 8.51 4.07 -1.27
C ALA A 429 8.60 5.56 -0.97
N ARG A 430 7.76 6.06 -0.05
CA ARG A 430 7.83 7.48 0.28
C ARG A 430 9.18 7.83 0.91
N GLU A 431 9.70 6.95 1.78
CA GLU A 431 10.98 7.22 2.41
C GLU A 431 12.12 7.19 1.39
N LEU A 432 12.04 6.27 0.43
CA LEU A 432 13.07 6.18 -0.61
C LEU A 432 13.05 7.41 -1.52
N ARG A 433 11.86 7.90 -1.86
CA ARG A 433 11.76 9.11 -2.66
C ARG A 433 12.21 10.33 -1.87
N ARG A 434 11.85 10.39 -0.59
CA ARG A 434 12.31 11.48 0.26
C ARG A 434 13.85 11.45 0.37
N PHE A 435 14.42 10.27 0.62
CA PHE A 435 15.88 10.13 0.66
C PHE A 435 16.50 10.59 -0.64
N SER A 436 15.99 10.10 -1.77
CA SER A 436 16.49 10.50 -3.08
C SER A 436 16.52 12.03 -3.22
N ARG A 437 15.42 12.68 -2.89
CA ARG A 437 15.30 14.12 -3.11
C ARG A 437 16.17 14.90 -2.14
N LYS A 438 16.10 14.58 -0.84
CA LYS A 438 16.74 15.39 0.18
C LYS A 438 18.22 15.08 0.34
N GLU A 439 18.63 13.84 0.20
CA GLU A 439 20.02 13.49 0.43
C GLU A 439 20.84 13.44 -0.84
N LYS A 440 20.21 13.15 -1.98
CA LYS A 440 20.94 12.97 -3.23
C LYS A 440 20.59 14.00 -4.29
N GLY A 441 19.58 14.84 -4.06
CA GLY A 441 19.17 15.80 -5.06
C GLY A 441 18.59 15.21 -6.33
N LEU A 442 18.07 13.98 -6.27
CA LEU A 442 17.51 13.30 -7.42
C LEU A 442 16.03 13.04 -7.21
N TRP A 443 15.22 13.17 -8.28
CA TRP A 443 13.78 13.04 -8.17
C TRP A 443 13.37 11.66 -8.67
N LEU A 444 12.82 10.85 -7.77
CA LEU A 444 12.46 9.47 -8.09
C LEU A 444 10.95 9.34 -8.19
N ASN A 445 10.47 8.64 -9.23
CA ASN A 445 9.07 8.22 -9.26
C ASN A 445 8.97 6.87 -9.96
N SER A 446 7.74 6.46 -10.30
CA SER A 446 7.54 5.16 -10.92
C SER A 446 7.91 5.15 -12.40
N HIS A 447 8.36 6.28 -12.94
CA HIS A 447 8.82 6.35 -14.32
C HIS A 447 10.32 6.44 -14.47
N GLY A 448 11.04 6.93 -13.47
CA GLY A 448 12.45 7.19 -13.68
C GLY A 448 13.05 7.93 -12.50
N LEU A 449 14.30 8.33 -12.69
CA LEU A 449 15.11 9.00 -11.67
C LEU A 449 15.80 10.17 -12.35
N PHE A 450 15.43 11.38 -11.95
CA PHE A 450 15.71 12.60 -12.70
C PHE A 450 16.72 13.45 -11.93
N ASP A 451 17.80 13.82 -12.62
CA ASP A 451 18.81 14.76 -12.08
C ASP A 451 18.38 16.14 -12.57
N PRO A 452 17.79 16.98 -11.69
CA PRO A 452 17.28 18.30 -12.09
C PRO A 452 18.37 19.24 -12.60
N GLU A 453 19.56 19.17 -11.99
CA GLU A 453 20.70 20.03 -12.42
C GLU A 453 21.14 19.69 -13.84
N GLN A 454 21.27 18.41 -14.18
CA GLN A 454 21.71 18.01 -15.55
C GLN A 454 20.51 17.86 -16.48
N LYS A 455 19.30 17.87 -15.92
CA LYS A 455 18.04 17.64 -16.70
C LYS A 455 18.17 16.31 -17.46
N THR A 456 18.65 15.26 -16.79
CA THR A 456 18.83 13.94 -17.38
C THR A 456 18.19 12.87 -16.52
N PHE A 457 17.80 11.77 -17.17
CA PHE A 457 17.21 10.60 -16.53
C PHE A 457 18.24 9.47 -16.49
N PHE A 458 18.36 8.82 -15.34
CA PHE A 458 19.23 7.66 -15.19
C PHE A 458 18.56 6.42 -15.77
N GLN A 459 19.24 5.73 -16.67
CA GLN A 459 18.70 4.49 -17.22
C GLN A 459 19.00 3.36 -16.24
N ALA A 460 17.96 2.64 -15.84
CA ALA A 460 18.15 1.47 -14.99
C ALA A 460 17.66 0.24 -15.73
N ALA A 461 18.41 -0.85 -15.58
CA ALA A 461 17.98 -2.14 -16.09
C ALA A 461 17.45 -3.05 -15.00
N SER A 462 17.53 -2.62 -13.74
CA SER A 462 17.15 -3.47 -12.61
C SER A 462 16.90 -2.57 -11.41
N GLU A 463 16.18 -3.12 -10.43
CA GLU A 463 16.09 -2.40 -9.16
C GLU A 463 17.46 -2.25 -8.52
N GLU A 464 18.31 -3.28 -8.67
CA GLU A 464 19.69 -3.20 -8.17
C GLU A 464 20.39 -1.95 -8.70
N ASP A 465 20.26 -1.67 -9.99
CA ASP A 465 20.76 -0.43 -10.60
C ASP A 465 20.30 0.79 -9.81
N ILE A 466 19.01 0.84 -9.44
CA ILE A 466 18.46 2.03 -8.83
C ILE A 466 19.06 2.24 -7.44
N PHE A 467 19.12 1.18 -6.63
CA PHE A 467 19.75 1.27 -5.32
C PHE A 467 21.19 1.74 -5.45
N ARG A 468 21.93 1.19 -6.43
CA ARG A 468 23.33 1.60 -6.59
C ARG A 468 23.43 3.08 -6.95
N HIS A 469 22.56 3.57 -7.84
CA HIS A 469 22.63 4.96 -8.23
C HIS A 469 22.32 5.91 -7.07
N LEU A 470 21.56 5.46 -6.07
CA LEU A 470 21.26 6.24 -4.88
C LEU A 470 22.25 6.02 -3.75
N GLY A 471 23.25 5.17 -3.95
CA GLY A 471 24.22 4.91 -2.90
C GLY A 471 23.68 4.11 -1.73
N LEU A 472 22.65 3.31 -1.95
CA LEU A 472 22.00 2.51 -0.92
C LEU A 472 22.33 1.04 -1.12
N GLU A 473 22.53 0.29 -0.04
CA GLU A 473 22.66 -1.15 -0.16
C GLU A 473 21.34 -1.75 -0.65
N TYR A 474 21.44 -2.77 -1.51
CA TYR A 474 20.24 -3.33 -2.10
C TYR A 474 19.38 -4.01 -1.04
N LEU A 475 18.08 -3.81 -1.14
CA LEU A 475 17.11 -4.45 -0.26
C LEU A 475 16.22 -5.31 -1.12
N PRO A 476 16.17 -6.62 -0.90
CA PRO A 476 15.19 -7.43 -1.59
C PRO A 476 13.79 -7.05 -1.12
N PRO A 477 12.76 -7.37 -1.90
CA PRO A 477 11.39 -6.96 -1.55
C PRO A 477 10.93 -7.37 -0.15
N GLU A 478 11.34 -8.56 0.29
N GLU A 478 11.33 -8.56 0.31
CA GLU A 478 10.99 -9.03 1.63
CA GLU A 478 10.94 -8.98 1.65
C GLU A 478 11.62 -8.18 2.73
C GLU A 478 11.66 -8.21 2.75
N GLN A 479 12.60 -7.34 2.41
CA GLN A 479 13.19 -6.43 3.38
C GLN A 479 12.73 -4.99 3.18
N ARG A 480 11.63 -4.78 2.44
CA ARG A 480 11.08 -3.45 2.22
C ARG A 480 9.74 -3.28 2.95
N ASN A 481 9.55 -4.02 4.04
CA ASN A 481 8.30 -3.99 4.78
C ASN A 481 8.27 -2.89 5.83
N ALA A 482 8.67 -1.68 5.45
CA ALA A 482 8.67 -0.55 6.39
C ALA A 482 7.26 -0.23 6.85
N1 XG4 E . 2.17 6.82 -3.06
C2 XG4 E . 3.02 6.10 -3.86
N2 XG4 E . 3.91 6.80 -4.57
N3 XG4 E . 3.01 4.77 -3.96
C4 XG4 E . 2.05 4.21 -3.19
C5 XG4 E . 1.15 4.85 -2.36
C6 XG4 E . 1.19 6.26 -2.25
O6 XG4 E . 0.46 6.99 -1.56
N7 XG4 E . 0.33 3.92 -1.73
C8 XG4 E . 0.73 2.75 -2.19
N9 XG4 E . 1.77 2.88 -3.08
PA XG4 E . -1.49 -1.44 -1.94
PB XG4 E . 0.22 -3.35 -0.43
PG XG4 E . -2.09 -4.65 0.83
C1' XG4 E . 2.47 1.80 -3.77
O1A XG4 E . -1.90 -2.48 -2.93
O1B XG4 E . 0.24 -4.26 -1.62
O1G XG4 E . -2.63 -4.58 -0.55
C2' XG4 E . 3.37 1.00 -2.83
O2A XG4 E . -2.50 -0.42 -1.54
O2B XG4 E . 1.54 -2.99 0.19
O2G XG4 E . -2.78 -3.70 1.77
C3' XG4 E . 2.47 -0.18 -2.45
O3' XG4 E . 3.22 -1.31 -2.05
N3A XG4 E . -0.73 -2.04 -0.63
O3B XG4 E . -0.57 -4.15 0.72
O3G XG4 E . -2.04 -6.04 1.36
C4' XG4 E . 1.76 -0.42 -3.79
O4' XG4 E . 1.51 0.90 -4.30
C5' XG4 E . 0.47 -1.19 -3.69
O5' XG4 E . -0.38 -0.59 -2.70
MG MG F . -3.11 -2.17 -4.76
MG MG G . -1.72 -4.66 -2.57
K K H . -10.80 3.91 0.68
#